data_7O59
#
_entry.id   7O59
#
_cell.length_a   82.679
_cell.length_b   112.141
_cell.length_c   62.613
_cell.angle_alpha   90.000
_cell.angle_beta   90.000
_cell.angle_gamma   90.000
#
_symmetry.space_group_name_H-M   'C 2 2 21'
#
loop_
_entity.id
_entity.type
_entity.pdbx_description
1 polymer '14-3-3 protein sigma'
2 polymer 'Transcription factor p65'
3 non-polymer 4-(6-methoxy-2-methyl-benzimidazol-1-yl)benzaldehyde
4 non-polymer 4-(5-methoxy-2-methyl-benzimidazol-1-yl)benzaldehyde
5 non-polymer 'CHLORIDE ION'
6 water water
#
loop_
_entity_poly.entity_id
_entity_poly.type
_entity_poly.pdbx_seq_one_letter_code
_entity_poly.pdbx_strand_id
1 'polypeptide(L)'
;GAMGSMERASLIQKAKLAEQAERYEDMAAFMKGAVEKGEELS(CSO)EERNLLSVAYKNVVGGQRAAWRVLSSIEQKSNE
EGSEEKGPEVREYREKVETELQGVCDTVLGLLDSHLIKEAGDAESRVFYLKMKGDYYRYLAEVATGDDKKRIIDSARSAY
QEAMDISKKEMPPTNPIRLGLALNFSVFHYEIANSPEEAISLAKTTFDEAMADLHTLSEDSYKDSTLIMQLLRDNLTLWT
;
A
2 'polypeptide(L)' EGRSAG(SEP)IPGRRS P
#
loop_
_chem_comp.id
_chem_comp.type
_chem_comp.name
_chem_comp.formula
CL non-polymer 'CHLORIDE ION' 'Cl -1'
V2K non-polymer 4-(5-methoxy-2-methyl-benzimidazol-1-yl)benzaldehyde 'C16 H14 N2 O2'
V2N non-polymer 4-(6-methoxy-2-methyl-benzimidazol-1-yl)benzaldehyde 'C16 H14 N2 O2'
#
# COMPACT_ATOMS: atom_id res chain seq x y z
N MET A 3 -4.55 0.10 23.47
CA MET A 3 -3.57 -0.94 23.81
C MET A 3 -2.53 -0.34 24.73
N GLY A 4 -2.89 0.77 25.37
CA GLY A 4 -1.95 1.53 26.15
C GLY A 4 -1.32 0.76 27.31
N SER A 5 -2.05 -0.21 27.87
N SER A 5 -2.05 -0.21 27.85
CA SER A 5 -1.52 -0.95 29.00
CA SER A 5 -1.57 -0.98 28.99
C SER A 5 -0.70 -2.17 28.61
C SER A 5 -0.72 -2.17 28.60
N MET A 6 -0.62 -2.51 27.32
CA MET A 6 0.14 -3.69 26.91
C MET A 6 1.55 -3.29 26.50
N GLU A 7 2.53 -4.08 26.91
CA GLU A 7 3.92 -3.84 26.52
C GLU A 7 4.06 -3.83 25.01
N ARG A 8 4.98 -2.99 24.52
CA ARG A 8 5.30 -2.95 23.09
C ARG A 8 5.67 -4.34 22.57
N ALA A 9 6.54 -5.06 23.29
CA ALA A 9 6.98 -6.34 22.77
C ALA A 9 5.83 -7.34 22.69
N SER A 10 4.93 -7.26 23.67
CA SER A 10 3.75 -8.13 23.67
C SER A 10 2.81 -7.83 22.51
N LEU A 11 2.64 -6.54 22.18
CA LEU A 11 1.84 -6.17 21.02
C LEU A 11 2.43 -6.75 19.74
N ILE A 12 3.75 -6.66 19.58
CA ILE A 12 4.41 -7.19 18.39
C ILE A 12 4.24 -8.70 18.34
N GLN A 13 4.46 -9.36 19.47
CA GLN A 13 4.29 -10.81 19.51
C GLN A 13 2.87 -11.21 19.14
N LYS A 14 1.89 -10.51 19.69
CA LYS A 14 0.48 -10.83 19.38
C LYS A 14 0.13 -10.49 17.93
N ALA A 15 0.75 -9.45 17.35
CA ALA A 15 0.54 -9.20 15.93
C ALA A 15 0.99 -10.39 15.08
N LYS A 16 2.13 -10.98 15.44
CA LYS A 16 2.61 -12.16 14.73
C LYS A 16 1.68 -13.34 14.89
N LEU A 17 1.15 -13.53 16.10
CA LEU A 17 0.18 -14.61 16.31
C LEU A 17 -1.10 -14.35 15.53
N ALA A 18 -1.56 -13.10 15.52
CA ALA A 18 -2.78 -12.77 14.78
C ALA A 18 -2.58 -13.03 13.30
N GLU A 19 -1.40 -12.73 12.75
CA GLU A 19 -1.15 -13.05 11.34
C GLU A 19 -1.27 -14.56 11.10
N GLN A 20 -0.66 -15.37 11.97
CA GLN A 20 -0.74 -16.81 11.81
C GLN A 20 -2.17 -17.30 11.87
N ALA A 21 -2.99 -16.69 12.72
CA ALA A 21 -4.40 -17.06 12.91
C ALA A 21 -5.32 -16.40 11.89
N GLU A 22 -4.77 -15.61 10.98
CA GLU A 22 -5.54 -14.87 9.98
C GLU A 22 -6.58 -13.96 10.61
N ARG A 23 -6.21 -13.32 11.72
CA ARG A 23 -7.04 -12.37 12.44
C ARG A 23 -6.48 -10.98 12.15
N TYR A 24 -6.77 -10.47 10.95
CA TYR A 24 -6.09 -9.24 10.53
C TYR A 24 -6.59 -7.98 11.19
N GLU A 25 -7.86 -7.94 11.59
CA GLU A 25 -8.32 -6.80 12.37
C GLU A 25 -7.58 -6.73 13.69
N ASP A 26 -7.45 -7.87 14.38
CA ASP A 26 -6.66 -7.88 15.62
C ASP A 26 -5.22 -7.46 15.33
N MET A 27 -4.65 -8.00 14.27
CA MET A 27 -3.28 -7.71 13.93
C MET A 27 -3.07 -6.21 13.75
N ALA A 28 -4.00 -5.57 13.06
CA ALA A 28 -3.90 -4.13 12.85
C ALA A 28 -4.03 -3.37 14.16
N ALA A 29 -4.95 -3.79 15.04
CA ALA A 29 -5.08 -3.11 16.32
C ALA A 29 -3.82 -3.27 17.17
N PHE A 30 -3.21 -4.44 17.16
CA PHE A 30 -1.96 -4.63 17.91
C PHE A 30 -0.88 -3.73 17.35
N MET A 31 -0.76 -3.66 16.02
CA MET A 31 0.29 -2.85 15.42
C MET A 31 0.03 -1.35 15.61
N LYS A 32 -1.22 -0.91 15.56
CA LYS A 32 -1.54 0.47 15.92
C LYS A 32 -1.07 0.78 17.35
N GLY A 33 -1.38 -0.14 18.28
CA GLY A 33 -0.90 0.03 19.64
C GLY A 33 0.61 0.13 19.71
N ALA A 34 1.32 -0.70 18.92
CA ALA A 34 2.77 -0.65 18.93
C ALA A 34 3.27 0.69 18.38
N VAL A 35 2.70 1.16 17.28
CA VAL A 35 3.12 2.45 16.76
C VAL A 35 2.90 3.54 17.80
N GLU A 36 1.78 3.50 18.50
CA GLU A 36 1.46 4.54 19.46
C GLU A 36 2.34 4.52 20.70
N LYS A 37 3.20 3.52 20.85
CA LYS A 37 4.21 3.61 21.91
C LYS A 37 5.22 4.72 21.63
N GLY A 38 5.34 5.16 20.38
CA GLY A 38 6.14 6.33 20.06
C GLY A 38 7.52 6.04 19.57
N GLU A 39 7.98 4.80 19.63
CA GLU A 39 9.29 4.43 19.10
C GLU A 39 9.20 4.14 17.61
N GLU A 40 10.31 4.32 16.91
CA GLU A 40 10.42 3.93 15.51
C GLU A 40 10.19 2.43 15.38
N LEU A 41 9.84 1.99 14.16
CA LEU A 41 9.60 0.58 13.87
C LEU A 41 10.79 0.01 13.12
N SER A 42 11.16 -1.20 13.45
CA SER A 42 12.16 -1.92 12.69
C SER A 42 11.60 -2.39 11.34
N CSO A 43 12.45 -2.94 10.48
CA CSO A 43 12.03 -3.41 9.19
CB CSO A 43 13.25 -4.00 8.48
SG CSO A 43 12.89 -4.70 6.88
C CSO A 43 10.90 -4.45 9.32
O CSO A 43 9.87 -4.36 8.65
OD CSO A 43 12.39 -6.39 7.05
N GLU A 44 11.09 -5.42 10.18
CA GLU A 44 10.06 -6.44 10.35
C GLU A 44 8.77 -5.87 10.92
N GLU A 45 8.89 -4.93 11.83
CA GLU A 45 7.69 -4.30 12.41
C GLU A 45 6.95 -3.48 11.37
N ARG A 46 7.66 -2.79 10.48
CA ARG A 46 7.00 -2.08 9.39
C ARG A 46 6.23 -3.04 8.51
N ASN A 47 6.80 -4.20 8.23
CA ASN A 47 6.09 -5.19 7.43
C ASN A 47 4.84 -5.67 8.16
N LEU A 48 4.90 -5.88 9.47
CA LEU A 48 3.71 -6.32 10.19
C LEU A 48 2.61 -5.26 10.11
N LEU A 49 2.96 -4.00 10.30
CA LEU A 49 1.98 -2.91 10.19
C LEU A 49 1.32 -2.93 8.82
N SER A 50 2.13 -2.98 7.78
CA SER A 50 1.61 -2.93 6.43
C SER A 50 0.75 -4.14 6.09
N VAL A 51 1.20 -5.34 6.44
CA VAL A 51 0.41 -6.54 6.15
C VAL A 51 -0.94 -6.46 6.83
N ALA A 52 -0.97 -6.03 8.09
CA ALA A 52 -2.21 -5.99 8.84
C ALA A 52 -3.23 -5.09 8.14
N TYR A 53 -2.86 -3.84 7.89
CA TYR A 53 -3.81 -2.91 7.31
C TYR A 53 -4.11 -3.24 5.86
N LYS A 54 -3.16 -3.82 5.11
CA LYS A 54 -3.48 -4.14 3.73
C LYS A 54 -4.53 -5.23 3.67
N ASN A 55 -4.49 -6.18 4.58
CA ASN A 55 -5.51 -7.21 4.62
C ASN A 55 -6.85 -6.65 5.07
N VAL A 56 -6.87 -5.77 6.07
CA VAL A 56 -8.13 -5.19 6.50
C VAL A 56 -8.75 -4.40 5.36
N VAL A 57 -8.01 -3.44 4.81
N VAL A 57 -8.02 -3.43 4.83
CA VAL A 57 -8.58 -2.59 3.77
CA VAL A 57 -8.59 -2.62 3.75
C VAL A 57 -8.82 -3.40 2.50
C VAL A 57 -8.88 -3.46 2.52
N GLY A 58 -8.06 -4.47 2.25
CA GLY A 58 -8.31 -5.29 1.08
C GLY A 58 -9.66 -5.98 1.13
N GLY A 59 -10.05 -6.47 2.31
CA GLY A 59 -11.39 -7.04 2.45
C GLY A 59 -12.46 -6.00 2.27
N GLN A 60 -12.25 -4.79 2.80
CA GLN A 60 -13.24 -3.73 2.65
C GLN A 60 -13.38 -3.33 1.19
N ARG A 61 -12.27 -3.20 0.46
CA ARG A 61 -12.30 -2.85 -0.95
C ARG A 61 -13.04 -3.91 -1.74
N ALA A 62 -12.78 -5.17 -1.49
CA ALA A 62 -13.47 -6.22 -2.22
C ALA A 62 -14.97 -6.16 -1.95
N ALA A 63 -15.37 -5.91 -0.71
CA ALA A 63 -16.80 -5.79 -0.40
C ALA A 63 -17.40 -4.58 -1.06
N TRP A 64 -16.71 -3.44 -1.03
CA TRP A 64 -17.19 -2.23 -1.65
C TRP A 64 -17.39 -2.44 -3.14
N ARG A 65 -16.51 -3.18 -3.79
CA ARG A 65 -16.65 -3.38 -5.23
C ARG A 65 -17.85 -4.27 -5.53
N VAL A 66 -18.10 -5.29 -4.71
CA VAL A 66 -19.30 -6.12 -4.88
C VAL A 66 -20.55 -5.26 -4.76
N LEU A 67 -20.62 -4.44 -3.73
CA LEU A 67 -21.81 -3.63 -3.47
C LEU A 67 -21.99 -2.55 -4.52
N SER A 68 -20.89 -1.91 -4.92
CA SER A 68 -20.96 -0.86 -5.95
C SER A 68 -21.45 -1.43 -7.27
N SER A 69 -21.04 -2.65 -7.60
CA SER A 69 -21.52 -3.28 -8.82
C SER A 69 -23.02 -3.57 -8.75
N ILE A 70 -23.49 -4.07 -7.60
CA ILE A 70 -24.93 -4.30 -7.43
C ILE A 70 -25.69 -2.99 -7.54
N GLU A 71 -25.16 -1.92 -6.94
CA GLU A 71 -25.82 -0.62 -6.96
C GLU A 71 -25.89 -0.08 -8.38
N GLN A 72 -24.81 -0.23 -9.15
CA GLN A 72 -24.80 0.25 -10.54
C GLN A 72 -25.79 -0.51 -11.40
N LYS A 73 -25.89 -1.82 -11.21
CA LYS A 73 -26.92 -2.59 -11.93
C LYS A 73 -28.33 -2.15 -11.55
N SER A 74 -28.54 -1.80 -10.28
CA SER A 74 -29.88 -1.38 -9.85
C SER A 74 -30.27 -0.03 -10.45
N ASN A 75 -29.30 0.80 -10.80
CA ASN A 75 -29.60 2.11 -11.36
C ASN A 75 -29.51 2.11 -12.89
N GLY A 83 -35.20 0.03 -3.54
CA GLY A 83 -35.15 0.78 -2.28
C GLY A 83 -33.78 1.35 -2.00
N PRO A 84 -33.62 2.01 -0.85
CA PRO A 84 -32.34 2.63 -0.52
C PRO A 84 -31.29 1.65 0.02
N GLU A 85 -31.59 0.37 0.18
CA GLU A 85 -30.75 -0.49 1.01
C GLU A 85 -29.36 -0.72 0.41
N VAL A 86 -29.27 -0.98 -0.90
CA VAL A 86 -27.93 -1.25 -1.47
C VAL A 86 -27.04 -0.02 -1.34
N ARG A 87 -27.58 1.16 -1.67
CA ARG A 87 -26.79 2.37 -1.49
C ARG A 87 -26.43 2.58 -0.02
N GLU A 88 -27.38 2.39 0.89
CA GLU A 88 -27.08 2.56 2.30
C GLU A 88 -25.97 1.63 2.76
N TYR A 89 -26.03 0.38 2.34
CA TYR A 89 -25.02 -0.57 2.80
C TYR A 89 -23.67 -0.32 2.13
N ARG A 90 -23.65 0.02 0.84
CA ARG A 90 -22.40 0.44 0.20
C ARG A 90 -21.80 1.62 0.93
N GLU A 91 -22.63 2.60 1.30
CA GLU A 91 -22.17 3.75 2.04
C GLU A 91 -21.59 3.36 3.38
N LYS A 92 -22.20 2.40 4.08
CA LYS A 92 -21.68 1.96 5.36
C LYS A 92 -20.29 1.35 5.18
N VAL A 93 -20.14 0.44 4.22
CA VAL A 93 -18.83 -0.16 3.97
C VAL A 93 -17.83 0.90 3.56
N GLU A 94 -18.24 1.85 2.74
CA GLU A 94 -17.37 2.92 2.30
C GLU A 94 -16.86 3.76 3.47
N THR A 95 -17.75 4.10 4.40
CA THR A 95 -17.34 4.90 5.54
C THR A 95 -16.36 4.14 6.42
N GLU A 96 -16.56 2.82 6.56
N GLU A 96 -16.60 2.84 6.59
CA GLU A 96 -15.64 2.02 7.38
CA GLU A 96 -15.67 2.04 7.36
C GLU A 96 -14.28 1.88 6.72
C GLU A 96 -14.30 2.03 6.70
N LEU A 97 -14.27 1.76 5.39
CA LEU A 97 -13.03 1.78 4.62
C LEU A 97 -12.31 3.11 4.78
N GLN A 98 -13.02 4.22 4.62
CA GLN A 98 -12.40 5.50 4.79
C GLN A 98 -11.84 5.67 6.18
N GLY A 99 -12.55 5.16 7.19
CA GLY A 99 -12.03 5.26 8.54
C GLY A 99 -10.72 4.51 8.75
N VAL A 100 -10.61 3.32 8.17
CA VAL A 100 -9.35 2.60 8.29
C VAL A 100 -8.23 3.35 7.55
N CYS A 101 -8.50 3.85 6.33
CA CYS A 101 -7.47 4.59 5.63
C CYS A 101 -7.05 5.81 6.42
N ASP A 102 -8.01 6.55 7.00
CA ASP A 102 -7.69 7.70 7.82
C ASP A 102 -6.85 7.32 9.02
N THR A 103 -7.13 6.16 9.62
CA THR A 103 -6.34 5.71 10.76
C THR A 103 -4.90 5.46 10.35
N VAL A 104 -4.69 4.76 9.23
CA VAL A 104 -3.32 4.47 8.77
C VAL A 104 -2.60 5.78 8.44
N LEU A 105 -3.27 6.67 7.72
CA LEU A 105 -2.65 7.94 7.38
C LEU A 105 -2.31 8.70 8.63
N GLY A 106 -3.17 8.61 9.66
CA GLY A 106 -2.88 9.31 10.91
C GLY A 106 -1.66 8.76 11.60
N LEU A 107 -1.45 7.45 11.58
CA LEU A 107 -0.23 6.89 12.16
C LEU A 107 0.99 7.36 11.40
N LEU A 108 0.89 7.41 10.06
CA LEU A 108 2.03 7.87 9.26
C LEU A 108 2.34 9.31 9.58
N ASP A 109 1.32 10.14 9.77
CA ASP A 109 1.53 11.55 10.09
C ASP A 109 1.85 11.82 11.56
N SER A 110 1.65 10.85 12.44
CA SER A 110 1.85 11.07 13.88
C SER A 110 2.45 9.80 14.49
N HIS A 111 3.75 9.55 14.32
CA HIS A 111 4.73 10.45 13.72
C HIS A 111 5.73 9.66 12.93
N LEU A 112 5.25 8.62 12.23
CA LEU A 112 6.18 7.69 11.63
C LEU A 112 7.04 8.34 10.54
N ILE A 113 6.41 9.10 9.65
CA ILE A 113 7.19 9.66 8.54
C ILE A 113 8.20 10.67 9.04
N LYS A 114 7.80 11.53 9.96
CA LYS A 114 8.72 12.59 10.33
C LYS A 114 9.93 12.06 11.05
N GLU A 115 9.83 10.90 11.70
CA GLU A 115 11.00 10.34 12.37
C GLU A 115 11.79 9.40 11.46
N ALA A 116 11.33 9.14 10.24
CA ALA A 116 11.99 8.17 9.36
C ALA A 116 13.05 8.87 8.50
N GLY A 117 14.30 8.57 8.79
CA GLY A 117 15.44 9.21 8.13
C GLY A 117 16.14 8.29 7.16
N ASP A 118 16.15 7.00 7.44
CA ASP A 118 16.83 6.13 6.50
C ASP A 118 15.95 5.91 5.28
N ALA A 119 16.57 5.73 4.13
CA ALA A 119 15.79 5.57 2.91
C ALA A 119 14.81 4.41 3.00
N GLU A 120 15.22 3.29 3.60
CA GLU A 120 14.34 2.15 3.63
C GLU A 120 13.08 2.45 4.43
N SER A 121 13.20 3.15 5.53
CA SER A 121 11.97 3.43 6.30
C SER A 121 11.15 4.52 5.63
N ARG A 122 11.79 5.58 5.19
CA ARG A 122 11.04 6.71 4.66
C ARG A 122 10.33 6.35 3.38
N VAL A 123 11.00 5.65 2.47
CA VAL A 123 10.33 5.19 1.25
C VAL A 123 9.16 4.27 1.59
N PHE A 124 9.38 3.33 2.51
CA PHE A 124 8.31 2.42 2.89
C PHE A 124 7.07 3.18 3.35
N TYR A 125 7.23 4.16 4.24
CA TYR A 125 6.09 4.88 4.76
C TYR A 125 5.45 5.77 3.72
N LEU A 126 6.24 6.40 2.85
CA LEU A 126 5.66 7.25 1.81
C LEU A 126 4.91 6.41 0.78
N LYS A 127 5.40 5.22 0.47
CA LYS A 127 4.65 4.29 -0.37
C LYS A 127 3.31 3.96 0.30
N MET A 128 3.32 3.66 1.61
CA MET A 128 2.04 3.39 2.31
C MET A 128 1.13 4.60 2.20
N LYS A 129 1.66 5.80 2.39
CA LYS A 129 0.82 6.99 2.30
C LYS A 129 0.18 7.09 0.91
N GLY A 130 0.98 6.87 -0.14
CA GLY A 130 0.40 6.85 -1.48
C GLY A 130 -0.68 5.80 -1.63
N ASP A 131 -0.44 4.61 -1.12
CA ASP A 131 -1.41 3.51 -1.25
C ASP A 131 -2.72 3.84 -0.55
N TYR A 132 -2.66 4.40 0.69
CA TYR A 132 -3.93 4.62 1.39
C TYR A 132 -4.66 5.83 0.83
N TYR A 133 -3.96 6.84 0.32
CA TYR A 133 -4.68 7.86 -0.45
C TYR A 133 -5.25 7.27 -1.75
N ARG A 134 -4.56 6.33 -2.38
CA ARG A 134 -5.12 5.68 -3.55
C ARG A 134 -6.41 4.93 -3.22
N TYR A 135 -6.44 4.20 -2.10
CA TYR A 135 -7.68 3.54 -1.70
C TYR A 135 -8.79 4.54 -1.40
N LEU A 136 -8.47 5.67 -0.79
CA LEU A 136 -9.47 6.73 -0.64
C LEU A 136 -9.95 7.23 -2.00
N ALA A 137 -9.04 7.37 -2.98
CA ALA A 137 -9.42 7.87 -4.31
C ALA A 137 -10.33 6.88 -5.01
N GLU A 138 -10.19 5.60 -4.77
CA GLU A 138 -11.03 4.61 -5.46
C GLU A 138 -12.51 4.83 -5.15
N VAL A 139 -12.84 5.38 -3.99
CA VAL A 139 -14.23 5.56 -3.57
C VAL A 139 -14.65 7.00 -3.57
N ALA A 140 -13.75 7.91 -3.94
CA ALA A 140 -14.09 9.33 -3.94
C ALA A 140 -14.74 9.75 -5.24
N THR A 141 -15.48 10.85 -5.17
CA THR A 141 -16.08 11.45 -6.35
C THR A 141 -15.69 12.92 -6.47
N GLY A 142 -15.69 13.41 -7.71
CA GLY A 142 -15.71 14.86 -7.93
C GLY A 142 -14.42 15.57 -7.54
N ASP A 143 -14.59 16.74 -6.94
CA ASP A 143 -13.44 17.56 -6.55
C ASP A 143 -12.71 16.97 -5.35
N ASP A 144 -13.44 16.34 -4.43
CA ASP A 144 -12.77 15.59 -3.37
C ASP A 144 -11.80 14.58 -3.97
N LYS A 145 -12.24 13.89 -5.03
CA LYS A 145 -11.34 12.98 -5.72
C LYS A 145 -10.06 13.68 -6.16
N LYS A 146 -10.17 14.93 -6.65
CA LYS A 146 -8.97 15.62 -7.16
C LYS A 146 -7.91 15.82 -6.10
N ARG A 147 -8.30 16.35 -4.92
CA ARG A 147 -7.27 16.60 -3.92
C ARG A 147 -6.71 15.29 -3.38
N ILE A 148 -7.54 14.25 -3.28
CA ILE A 148 -7.08 12.98 -2.74
C ILE A 148 -6.10 12.38 -3.73
N ILE A 149 -6.42 12.47 -5.03
CA ILE A 149 -5.52 11.97 -6.06
C ILE A 149 -4.19 12.68 -5.99
N ASP A 150 -4.21 14.01 -5.78
CA ASP A 150 -2.96 14.72 -5.72
C ASP A 150 -2.14 14.34 -4.49
N SER A 151 -2.81 14.08 -3.38
CA SER A 151 -2.10 13.61 -2.20
C SER A 151 -1.43 12.28 -2.45
N ALA A 152 -2.11 11.36 -3.12
CA ALA A 152 -1.47 10.09 -3.40
C ALA A 152 -0.26 10.29 -4.31
N ARG A 153 -0.45 11.07 -5.37
N ARG A 153 -0.46 11.06 -5.38
CA ARG A 153 0.62 11.33 -6.33
CA ARG A 153 0.62 11.35 -6.32
C ARG A 153 1.83 11.93 -5.64
C ARG A 153 1.83 11.93 -5.62
N SER A 154 1.62 12.93 -4.78
CA SER A 154 2.73 13.59 -4.11
C SER A 154 3.51 12.64 -3.22
N ALA A 155 2.82 11.80 -2.47
CA ALA A 155 3.49 10.81 -1.62
C ALA A 155 4.31 9.85 -2.46
N TYR A 156 3.68 9.27 -3.49
CA TYR A 156 4.42 8.35 -4.36
C TYR A 156 5.62 9.02 -4.99
N GLN A 157 5.46 10.27 -5.42
CA GLN A 157 6.58 10.96 -6.10
C GLN A 157 7.74 11.20 -5.16
N GLU A 158 7.46 11.63 -3.92
CA GLU A 158 8.56 11.80 -2.99
C GLU A 158 9.26 10.48 -2.73
N ALA A 159 8.50 9.40 -2.57
CA ALA A 159 9.10 8.08 -2.39
C ALA A 159 9.96 7.69 -3.57
N MET A 160 9.47 7.95 -4.78
CA MET A 160 10.21 7.63 -5.99
C MET A 160 11.52 8.39 -6.02
N ASP A 161 11.45 9.68 -5.71
CA ASP A 161 12.67 10.50 -5.78
C ASP A 161 13.73 9.95 -4.83
N ILE A 162 13.33 9.62 -3.60
CA ILE A 162 14.29 9.06 -2.65
C ILE A 162 14.80 7.73 -3.13
N SER A 163 13.90 6.86 -3.59
CA SER A 163 14.31 5.51 -3.95
C SER A 163 15.30 5.50 -5.10
N LYS A 164 15.14 6.42 -6.04
CA LYS A 164 16.05 6.43 -7.18
C LYS A 164 17.42 6.93 -6.78
N LYS A 165 17.49 7.80 -5.79
CA LYS A 165 18.78 8.30 -5.30
C LYS A 165 19.47 7.33 -4.37
N GLU A 166 18.71 6.55 -3.58
CA GLU A 166 19.27 5.86 -2.42
C GLU A 166 19.21 4.35 -2.48
N MET A 167 18.48 3.75 -3.41
CA MET A 167 18.32 2.31 -3.46
C MET A 167 18.68 1.79 -4.83
N PRO A 168 19.22 0.56 -4.90
CA PRO A 168 19.48 -0.06 -6.20
C PRO A 168 18.17 -0.38 -6.89
N PRO A 169 18.20 -0.51 -8.22
CA PRO A 169 16.96 -0.74 -8.98
C PRO A 169 16.29 -2.05 -8.70
N THR A 170 16.96 -3.02 -8.04
CA THR A 170 16.35 -4.29 -7.68
C THR A 170 15.79 -4.31 -6.27
N ASN A 171 15.96 -3.24 -5.51
CA ASN A 171 15.49 -3.28 -4.12
C ASN A 171 13.98 -3.56 -4.09
N PRO A 172 13.52 -4.55 -3.33
CA PRO A 172 12.08 -4.87 -3.36
C PRO A 172 11.15 -3.73 -3.02
N ILE A 173 11.52 -2.86 -2.08
CA ILE A 173 10.66 -1.73 -1.76
C ILE A 173 10.60 -0.77 -2.94
N ARG A 174 11.74 -0.47 -3.56
CA ARG A 174 11.74 0.38 -4.76
C ARG A 174 10.90 -0.22 -5.86
N LEU A 175 11.00 -1.54 -6.06
CA LEU A 175 10.22 -2.19 -7.09
C LEU A 175 8.73 -2.15 -6.78
N GLY A 176 8.34 -2.48 -5.53
CA GLY A 176 6.93 -2.44 -5.18
C GLY A 176 6.35 -1.05 -5.24
N LEU A 177 7.13 -0.05 -4.84
CA LEU A 177 6.68 1.34 -5.00
C LEU A 177 6.39 1.67 -6.45
N ALA A 178 7.32 1.31 -7.36
CA ALA A 178 7.12 1.59 -8.78
C ALA A 178 5.92 0.84 -9.31
N LEU A 179 5.76 -0.43 -8.90
N LEU A 179 5.77 -0.43 -8.91
CA LEU A 179 4.59 -1.21 -9.30
CA LEU A 179 4.60 -1.19 -9.32
C LEU A 179 3.30 -0.51 -8.89
C LEU A 179 3.33 -0.45 -8.90
N ASN A 180 3.21 -0.10 -7.61
CA ASN A 180 1.97 0.52 -7.13
C ASN A 180 1.76 1.89 -7.72
N PHE A 181 2.82 2.66 -7.92
CA PHE A 181 2.66 3.96 -8.59
C PHE A 181 2.19 3.79 -10.03
N SER A 182 2.66 2.74 -10.70
CA SER A 182 2.18 2.45 -12.04
C SER A 182 0.71 2.11 -12.04
N VAL A 183 0.26 1.33 -11.05
CA VAL A 183 -1.18 1.06 -10.90
C VAL A 183 -1.95 2.34 -10.64
N PHE A 184 -1.44 3.22 -9.79
CA PHE A 184 -2.04 4.53 -9.60
C PHE A 184 -2.24 5.22 -10.94
N HIS A 185 -1.16 5.29 -11.77
CA HIS A 185 -1.29 5.98 -13.04
C HIS A 185 -2.38 5.34 -13.89
N TYR A 186 -2.43 4.02 -13.96
CA TYR A 186 -3.36 3.34 -14.85
C TYR A 186 -4.79 3.44 -14.36
N GLU A 187 -5.00 3.19 -13.07
CA GLU A 187 -6.36 2.98 -12.55
C GLU A 187 -6.96 4.22 -11.96
N ILE A 188 -6.17 5.17 -11.49
CA ILE A 188 -6.65 6.32 -10.77
C ILE A 188 -6.49 7.59 -11.58
N ALA A 189 -5.29 7.82 -12.12
CA ALA A 189 -4.93 9.07 -12.75
C ALA A 189 -5.26 9.11 -14.24
N ASN A 190 -5.84 8.06 -14.78
CA ASN A 190 -6.19 8.04 -16.21
C ASN A 190 -4.96 8.30 -17.10
N SER A 191 -3.81 7.74 -16.70
CA SER A 191 -2.53 7.92 -17.41
C SER A 191 -1.96 6.56 -17.77
N PRO A 192 -2.64 5.79 -18.61
CA PRO A 192 -2.12 4.45 -18.95
C PRO A 192 -0.75 4.50 -19.60
N GLU A 193 -0.45 5.50 -20.42
CA GLU A 193 0.88 5.54 -21.03
C GLU A 193 1.95 5.72 -19.97
N GLU A 194 1.72 6.60 -18.99
CA GLU A 194 2.68 6.77 -17.90
C GLU A 194 2.85 5.47 -17.11
N ALA A 195 1.75 4.77 -16.90
CA ALA A 195 1.79 3.50 -16.17
C ALA A 195 2.68 2.50 -16.90
N ILE A 196 2.48 2.38 -18.22
CA ILE A 196 3.23 1.42 -19.03
C ILE A 196 4.71 1.83 -19.07
N SER A 197 4.98 3.12 -19.26
N SER A 197 4.98 3.11 -19.28
CA SER A 197 6.37 3.59 -19.32
CA SER A 197 6.36 3.57 -19.32
C SER A 197 7.09 3.30 -18.00
C SER A 197 7.08 3.30 -18.01
N LEU A 198 6.43 3.61 -16.89
CA LEU A 198 7.07 3.38 -15.59
C LEU A 198 7.30 1.90 -15.36
N ALA A 199 6.33 1.06 -15.66
CA ALA A 199 6.55 -0.36 -15.45
C ALA A 199 7.67 -0.89 -16.31
N LYS A 200 7.72 -0.50 -17.59
CA LYS A 200 8.81 -0.92 -18.50
C LYS A 200 10.17 -0.49 -18.02
N THR A 201 10.34 0.79 -17.73
N THR A 201 10.37 0.79 -17.73
CA THR A 201 11.63 1.29 -17.31
CA THR A 201 11.69 1.22 -17.30
C THR A 201 12.07 0.63 -16.00
C THR A 201 12.08 0.57 -16.00
N THR A 202 11.13 0.44 -15.07
CA THR A 202 11.46 -0.23 -13.80
C THR A 202 11.92 -1.65 -14.06
N PHE A 203 11.19 -2.40 -14.87
CA PHE A 203 11.56 -3.77 -15.17
C PHE A 203 12.94 -3.84 -15.80
N ASP A 204 13.20 -2.97 -16.77
CA ASP A 204 14.45 -3.06 -17.53
C ASP A 204 15.64 -2.68 -16.65
N GLU A 205 15.49 -1.67 -15.81
CA GLU A 205 16.59 -1.28 -14.95
C GLU A 205 16.84 -2.32 -13.88
N ALA A 206 15.81 -3.00 -13.41
CA ALA A 206 16.02 -4.10 -12.47
C ALA A 206 16.73 -5.25 -13.15
N MET A 207 16.27 -5.63 -14.34
CA MET A 207 16.94 -6.70 -15.09
C MET A 207 18.44 -6.51 -15.13
N ALA A 208 18.86 -5.31 -15.45
CA ALA A 208 20.26 -5.01 -15.64
C ALA A 208 21.06 -5.03 -14.34
N ASP A 209 20.41 -5.05 -13.17
CA ASP A 209 21.05 -5.08 -11.88
C ASP A 209 20.99 -6.46 -11.23
N LEU A 210 20.30 -7.44 -11.84
CA LEU A 210 20.14 -8.74 -11.19
C LEU A 210 21.49 -9.44 -10.97
N HIS A 211 22.48 -9.15 -11.83
CA HIS A 211 23.78 -9.83 -11.75
C HIS A 211 24.48 -9.57 -10.44
N THR A 212 24.08 -8.52 -9.71
CA THR A 212 24.75 -8.17 -8.46
C THR A 212 24.20 -8.94 -7.28
N LEU A 213 23.12 -9.70 -7.43
CA LEU A 213 22.35 -10.22 -6.32
C LEU A 213 22.73 -11.65 -5.99
N SER A 214 22.57 -11.97 -4.71
CA SER A 214 22.62 -13.36 -4.24
C SER A 214 21.40 -14.12 -4.74
N GLU A 215 21.43 -15.45 -4.56
CA GLU A 215 20.31 -16.30 -4.97
C GLU A 215 19.01 -15.86 -4.29
N ASP A 216 19.07 -15.59 -2.98
CA ASP A 216 17.85 -15.25 -2.25
C ASP A 216 17.30 -13.89 -2.69
N SER A 217 18.19 -12.90 -2.81
CA SER A 217 17.73 -11.59 -3.27
C SER A 217 17.22 -11.66 -4.70
N TYR A 218 17.89 -12.45 -5.55
CA TYR A 218 17.43 -12.63 -6.93
C TYR A 218 16.01 -13.15 -6.97
N LYS A 219 15.69 -14.11 -6.10
CA LYS A 219 14.34 -14.65 -6.06
C LYS A 219 13.32 -13.57 -5.71
N ASP A 220 13.60 -12.78 -4.69
CA ASP A 220 12.68 -11.72 -4.30
C ASP A 220 12.49 -10.72 -5.43
N SER A 221 13.60 -10.24 -6.01
CA SER A 221 13.50 -9.20 -7.04
C SER A 221 12.77 -9.71 -8.28
N THR A 222 13.09 -10.94 -8.71
CA THR A 222 12.47 -11.46 -9.92
C THR A 222 10.99 -11.73 -9.70
N LEU A 223 10.58 -12.07 -8.48
CA LEU A 223 9.17 -12.26 -8.20
C LEU A 223 8.39 -10.97 -8.45
N ILE A 224 8.92 -9.85 -7.97
CA ILE A 224 8.21 -8.58 -8.15
C ILE A 224 8.30 -8.14 -9.59
N MET A 225 9.42 -8.43 -10.25
CA MET A 225 9.55 -8.02 -11.64
C MET A 225 8.49 -8.75 -12.46
N GLN A 226 8.16 -10.01 -12.07
CA GLN A 226 7.11 -10.74 -12.80
C GLN A 226 5.76 -10.08 -12.62
N LEU A 227 5.50 -9.47 -11.47
CA LEU A 227 4.26 -8.70 -11.30
C LEU A 227 4.22 -7.50 -12.24
N LEU A 228 5.35 -6.78 -12.38
CA LEU A 228 5.40 -5.70 -13.36
C LEU A 228 5.10 -6.23 -14.75
N ARG A 229 5.72 -7.36 -15.11
CA ARG A 229 5.47 -7.97 -16.42
C ARG A 229 4.01 -8.39 -16.59
N ASP A 230 3.40 -8.93 -15.54
CA ASP A 230 1.99 -9.33 -15.61
C ASP A 230 1.10 -8.13 -15.92
N ASN A 231 1.40 -6.96 -15.31
CA ASN A 231 0.62 -5.78 -15.63
C ASN A 231 0.88 -5.32 -17.04
N LEU A 232 2.13 -5.32 -17.47
CA LEU A 232 2.42 -4.93 -18.84
C LEU A 232 1.68 -5.82 -19.82
N THR A 233 1.60 -7.11 -19.55
CA THR A 233 0.89 -8.00 -20.46
C THR A 233 -0.60 -7.68 -20.50
N LEU A 234 -1.18 -7.33 -19.35
CA LEU A 234 -2.59 -6.96 -19.33
C LEU A 234 -2.85 -5.61 -20.00
N TRP A 235 -1.87 -4.71 -19.99
CA TRP A 235 -2.06 -3.34 -20.45
C TRP A 235 -1.67 -3.14 -21.91
N THR A 236 -1.00 -4.13 -22.52
CA THR A 236 -0.47 -3.98 -23.86
C THR A 236 -0.82 -5.17 -24.74
N ALA B 5 -4.32 -2.77 -12.80
CA ALA B 5 -4.15 -4.22 -12.76
C ALA B 5 -3.85 -4.70 -11.35
N GLY B 6 -2.72 -5.39 -11.15
CA GLY B 6 -2.34 -5.87 -9.84
C GLY B 6 -1.31 -5.05 -9.09
N SEP B 7 -1.63 -4.58 -7.89
CA SEP B 7 -0.65 -3.94 -7.01
CB SEP B 7 -1.35 -2.98 -6.06
OG SEP B 7 -2.25 -3.76 -5.26
C SEP B 7 0.07 -5.02 -6.22
O SEP B 7 -0.24 -6.23 -6.34
P SEP B 7 -3.32 -2.97 -4.39
O1P SEP B 7 -4.08 -4.07 -3.61
O2P SEP B 7 -4.27 -2.19 -5.34
O3P SEP B 7 -2.55 -2.04 -3.45
N ILE B 8 1.02 -4.66 -5.40
CA ILE B 8 1.74 -5.74 -4.78
C ILE B 8 0.77 -6.36 -3.73
N PRO B 9 0.66 -7.69 -3.69
CA PRO B 9 -0.35 -8.30 -2.81
C PRO B 9 -0.19 -7.93 -1.35
N GLY B 10 1.03 -8.06 -0.82
CA GLY B 10 1.37 -7.53 0.49
C GLY B 10 0.47 -7.96 1.63
N ARG B 11 -0.14 -9.14 1.53
CA ARG B 11 -1.02 -9.62 2.59
C ARG B 11 -0.40 -10.75 3.41
N ARG B 12 0.89 -11.03 3.24
CA ARG B 12 1.58 -12.09 3.97
C ARG B 12 2.98 -11.61 4.37
N SER B 13 3.20 -11.42 5.68
CA SER B 13 4.53 -11.16 6.26
C SER B 13 4.60 -11.20 7.79
C10 V2N C . 7.39 -9.99 -2.37
C12 V2N C . 5.11 -9.84 -2.97
C13 V2N C . 8.43 -10.85 -2.04
C14 V2N C . 9.44 -10.43 -1.17
C15 V2N C . 9.42 -9.12 -0.64
C17 V2N C . 9.74 -7.21 0.39
C18 V2N C . 10.35 -6.11 1.26
C02 V2N C . 5.25 -2.57 -1.02
C03 V2N C . 6.15 -3.78 -0.83
C04 V2N C . 5.90 -4.64 0.23
C05 V2N C . 6.71 -5.75 0.42
C06 V2N C . 7.75 -5.98 -0.45
C08 V2N C . 8.40 -8.27 -0.97
C09 V2N C . 7.36 -8.69 -1.84
C19 V2N C . 8.00 -5.13 -1.52
C20 V2N C . 7.19 -4.02 -1.71
N07 V2N C . 8.62 -7.13 -0.31
N16 V2N C . 10.24 -8.45 0.20
O11 V2N C . 6.37 -10.39 -3.23
C10 V2K D . 11.33 -7.43 0.82
C11 V2K D . 11.73 -8.74 0.58
C13 V2K D . 13.90 -8.18 1.32
C14 V2K D . 10.91 -9.60 -0.15
C15 V2K D . 9.67 -9.13 -0.65
C17 V2K D . 7.72 -8.82 -1.59
C18 V2K D . 6.43 -9.07 -2.36
C02 V2K D . 5.41 -2.59 -0.99
C03 V2K D . 6.12 -3.94 -1.00
C04 V2K D . 5.59 -4.99 -0.25
C05 V2K D . 6.22 -6.22 -0.25
C06 V2K D . 7.37 -6.41 -0.99
C08 V2K D . 9.28 -7.85 -0.43
C09 V2K D . 10.12 -6.97 0.33
C19 V2K D . 7.90 -5.36 -1.72
C20 V2K D . 7.27 -4.13 -1.73
N07 V2K D . 8.08 -7.67 -1.01
N16 V2K D . 8.68 -9.72 -1.37
O12 V2K D . 12.95 -9.19 1.10
CL CL E . 14.81 8.30 12.87
#